data_6F0P
#
_entry.id   6F0P
#
_cell.length_a   115.888
_cell.length_b   115.888
_cell.length_c   115.888
_cell.angle_alpha   90.00
_cell.angle_beta   90.00
_cell.angle_gamma   90.00
#
_symmetry.space_group_name_H-M   'P 21 3'
#
loop_
_entity.id
_entity.type
_entity.pdbx_description
1 polymer 'Neurotoxin type A'
2 non-polymer 'NICKEL (II) ION'
3 non-polymer DI(HYDROXYETHYL)ETHER
4 non-polymer 1,2-ETHANEDIOL
5 non-polymer 2-[BIS-(2-HYDROXY-ETHYL)-AMINO]-2-HYDROXYMETHYL-PROPANE-1,3-DIOL
6 water water
#
_entity_poly.entity_id   1
_entity_poly.type   'polypeptide(L)'
_entity_poly.pdbx_seq_one_letter_code
;MHHHHHHKNITNASILSIVYKDDDLIDLSRYGAEIYNGDKVYYNSIDKNQIRLINLESSTIEVILKKAIVYNSMYENFST
SFWIRIPKYFNSISLNNEYTIINCMENNSGWKVSLNYGEIIWTFQDTQEIKQRVVFKYSQMINISDYINRWIFVTITNNR
ITKSKIYINGRLIDQKPISNLGNIHASNKIMFKLDGCRDPHRYIVIKYFNLFDKELSEKEIKDLYDNQSNSGILKDFWGD
YLQYDKSYYMLNLYDPNKYVDVNNVGIRGYMYLKGPRDNVMTTNIYLNSSLYMGTKFIIKKYASGNKDNIVRNNDRVYIN
VVVKNKEYRLATNASQAGVEKILSALEIPDVGNLSQVVVMKSKNDQGITNKCKMNLQDNNGNDIGFIGFHQFNNIAKLVA
SNWYNRQIERSSRTLGCSWEFIPVDDGWRERPL
;
_entity_poly.pdbx_strand_id   A
#
# COMPACT_ATOMS: atom_id res chain seq x y z
N ILE A 10 -18.26 -14.00 10.29
CA ILE A 10 -16.82 -13.60 10.48
C ILE A 10 -16.52 -12.89 11.82
N THR A 11 -17.40 -11.99 12.26
CA THR A 11 -17.24 -11.36 13.60
C THR A 11 -17.30 -12.40 14.73
N ASN A 12 -18.24 -13.35 14.62
CA ASN A 12 -18.31 -14.51 15.51
C ASN A 12 -17.05 -15.38 15.46
N ALA A 13 -16.36 -15.39 14.31
CA ALA A 13 -15.16 -16.16 14.12
C ALA A 13 -13.86 -15.48 14.58
N SER A 14 -13.92 -14.23 14.99
CA SER A 14 -12.73 -13.47 15.41
C SER A 14 -12.22 -13.97 16.75
N ILE A 15 -10.99 -14.46 16.76
CA ILE A 15 -10.40 -14.92 18.01
C ILE A 15 -9.15 -14.14 18.43
N LEU A 16 -8.72 -13.21 17.58
CA LEU A 16 -7.62 -12.27 17.88
C LEU A 16 -7.71 -11.16 16.86
N SER A 17 -7.77 -9.91 17.32
CA SER A 17 -7.87 -8.77 16.41
C SER A 17 -7.14 -7.60 17.04
N ILE A 18 -5.91 -7.38 16.59
CA ILE A 18 -5.02 -6.42 17.25
C ILE A 18 -5.14 -5.05 16.61
N VAL A 19 -5.34 -4.03 17.46
CA VAL A 19 -5.32 -2.65 17.03
C VAL A 19 -4.56 -1.82 18.04
N TYR A 20 -4.15 -0.64 17.62
CA TYR A 20 -3.60 0.35 18.53
C TYR A 20 -4.75 1.05 19.26
N LEU A 25 -1.20 -1.17 22.03
CA LEU A 25 -1.85 -2.26 21.28
C LEU A 25 -2.82 -3.08 22.14
N ILE A 26 -4.00 -3.38 21.59
CA ILE A 26 -5.01 -4.20 22.28
C ILE A 26 -5.67 -5.21 21.34
N ASP A 27 -6.11 -6.32 21.93
CA ASP A 27 -6.92 -7.31 21.26
C ASP A 27 -8.40 -6.95 21.46
N LEU A 28 -9.10 -6.69 20.36
CA LEU A 28 -10.53 -6.40 20.41
C LEU A 28 -11.41 -7.63 20.58
N SER A 29 -10.85 -8.83 20.35
CA SER A 29 -11.64 -10.05 20.48
C SER A 29 -12.08 -10.30 21.91
N ARG A 30 -13.06 -11.17 22.03
CA ARG A 30 -13.55 -11.56 23.35
C ARG A 30 -12.53 -12.31 24.22
N TYR A 31 -11.45 -12.79 23.61
CA TYR A 31 -10.42 -13.53 24.31
C TYR A 31 -9.35 -12.65 24.95
N GLY A 32 -9.34 -11.34 24.65
CA GLY A 32 -8.46 -10.38 25.34
C GLY A 32 -7.02 -10.82 25.51
N ALA A 33 -6.36 -11.19 24.41
CA ALA A 33 -4.95 -11.60 24.46
C ALA A 33 -4.08 -10.58 25.17
N GLU A 34 -3.05 -11.07 25.84
CA GLU A 34 -2.07 -10.17 26.46
C GLU A 34 -1.02 -9.83 25.42
N ILE A 35 -0.60 -8.57 25.38
CA ILE A 35 0.36 -8.10 24.39
C ILE A 35 1.52 -7.37 25.08
N TYR A 36 2.74 -7.82 24.76
CA TYR A 36 3.97 -7.26 25.33
C TYR A 36 4.84 -6.76 24.20
N ASN A 37 5.29 -5.52 24.31
CA ASN A 37 6.15 -4.92 23.28
C ASN A 37 7.57 -4.75 23.81
N GLY A 38 8.54 -5.03 22.97
CA GLY A 38 9.94 -4.80 23.27
C GLY A 38 10.27 -3.32 23.14
N ASP A 39 11.46 -2.97 23.63
CA ASP A 39 11.94 -1.61 23.70
C ASP A 39 12.15 -0.93 22.34
N LYS A 40 12.31 -1.72 21.27
CA LYS A 40 12.64 -1.16 19.95
C LYS A 40 11.60 -1.45 18.90
N VAL A 41 10.34 -1.58 19.33
CA VAL A 41 9.20 -1.47 18.42
C VAL A 41 9.01 0.01 18.10
N TYR A 42 8.53 0.31 16.90
CA TYR A 42 8.21 1.69 16.53
C TYR A 42 6.79 1.82 15.96
N TYR A 43 5.97 2.75 16.47
CA TYR A 43 4.60 2.96 15.93
C TYR A 43 4.61 4.22 15.07
N ASN A 44 4.02 4.16 13.86
CA ASN A 44 4.03 5.31 12.93
C ASN A 44 3.25 6.48 13.52
N SER A 45 3.77 7.70 13.40
CA SER A 45 3.08 8.84 14.04
C SER A 45 1.71 9.16 13.44
N ILE A 46 1.57 8.96 12.14
CA ILE A 46 0.34 9.30 11.42
C ILE A 46 -0.73 8.18 11.58
N ASP A 47 -0.26 6.94 11.59
CA ASP A 47 -1.12 5.77 11.67
C ASP A 47 -0.53 4.84 12.71
N LYS A 48 -1.02 4.92 13.94
CA LYS A 48 -0.37 4.17 15.03
C LYS A 48 -0.63 2.67 14.96
N ASN A 49 -1.56 2.24 14.09
CA ASN A 49 -1.75 0.82 13.82
C ASN A 49 -0.62 0.16 13.04
N GLN A 50 0.24 0.96 12.44
CA GLN A 50 1.39 0.45 11.68
C GLN A 50 2.57 0.27 12.65
N ILE A 51 2.99 -0.97 12.85
CA ILE A 51 4.04 -1.33 13.77
C ILE A 51 5.27 -1.75 12.99
N ARG A 52 6.42 -1.14 13.26
CA ARG A 52 7.68 -1.50 12.61
C ARG A 52 8.55 -2.33 13.54
N LEU A 53 9.07 -3.44 13.01
CA LEU A 53 10.02 -4.32 13.69
C LEU A 53 11.31 -4.35 12.89
N ILE A 54 12.43 -4.11 13.59
CA ILE A 54 13.76 -4.08 13.00
C ILE A 54 14.54 -5.31 13.45
N ASN A 55 15.74 -5.48 12.91
CA ASN A 55 16.54 -6.68 13.15
C ASN A 55 17.39 -6.51 14.42
N LEU A 56 16.70 -6.41 15.56
CA LEU A 56 17.28 -6.36 16.89
C LEU A 56 16.43 -7.20 17.81
N GLU A 57 17.10 -7.87 18.74
CA GLU A 57 16.42 -8.74 19.71
C GLU A 57 15.34 -8.03 20.54
N SER A 58 15.48 -6.72 20.73
CA SER A 58 14.52 -5.93 21.49
C SER A 58 13.32 -5.42 20.68
N SER A 59 13.28 -5.73 19.38
CA SER A 59 12.22 -5.26 18.51
C SER A 59 11.23 -6.40 18.30
N THR A 60 10.31 -6.54 19.27
CA THR A 60 9.44 -7.71 19.40
C THR A 60 8.04 -7.32 19.83
N ILE A 61 7.06 -8.10 19.39
CA ILE A 61 5.73 -8.12 19.97
C ILE A 61 5.46 -9.55 20.37
N GLU A 62 5.02 -9.78 21.61
CA GLU A 62 4.64 -11.09 22.09
C GLU A 62 3.18 -11.07 22.46
N VAL A 63 2.40 -11.95 21.84
CA VAL A 63 0.96 -12.04 22.09
C VAL A 63 0.67 -13.37 22.78
N ILE A 64 0.01 -13.31 23.94
CA ILE A 64 -0.30 -14.51 24.71
C ILE A 64 -1.78 -14.82 24.56
N LEU A 65 -2.06 -15.99 24.00
CA LEU A 65 -3.42 -16.46 23.72
C LEU A 65 -3.96 -17.26 24.90
N LYS A 66 -5.23 -17.06 25.19
CA LYS A 66 -5.91 -17.86 26.20
C LYS A 66 -5.93 -19.33 25.81
N LYS A 67 -5.95 -20.19 26.83
CA LYS A 67 -5.90 -21.64 26.60
C LYS A 67 -6.95 -22.12 25.61
N ALA A 68 -8.16 -21.55 25.72
CA ALA A 68 -9.29 -21.92 24.84
C ALA A 68 -8.98 -21.81 23.35
N ILE A 69 -8.07 -20.91 22.97
CA ILE A 69 -7.75 -20.69 21.56
C ILE A 69 -6.32 -21.05 21.18
N VAL A 70 -5.61 -21.75 22.07
CA VAL A 70 -4.33 -22.34 21.72
C VAL A 70 -4.62 -23.49 20.77
N TYR A 71 -4.01 -23.47 19.60
CA TYR A 71 -4.32 -24.46 18.58
C TYR A 71 -3.70 -25.81 18.94
N ASN A 72 -4.53 -26.84 19.06
CA ASN A 72 -4.05 -28.19 19.35
C ASN A 72 -5.07 -29.15 18.79
N SER A 73 -4.90 -29.53 17.53
CA SER A 73 -5.95 -30.27 16.84
C SER A 73 -5.43 -30.90 15.57
N MET A 74 -6.12 -31.96 15.16
CA MET A 74 -5.96 -32.54 13.83
C MET A 74 -7.02 -32.01 12.85
N TYR A 75 -8.04 -31.31 13.36
CA TYR A 75 -9.27 -31.06 12.59
C TYR A 75 -9.76 -29.62 12.53
N GLU A 76 -9.42 -28.79 13.51
CA GLU A 76 -9.98 -27.45 13.59
C GLU A 76 -9.41 -26.55 12.48
N ASN A 77 -10.32 -25.84 11.82
CA ASN A 77 -9.91 -24.91 10.79
C ASN A 77 -9.59 -23.54 11.37
N PHE A 78 -8.70 -22.82 10.72
CA PHE A 78 -8.44 -21.44 11.13
C PHE A 78 -7.76 -20.66 10.02
N SER A 79 -7.86 -19.35 10.15
CA SER A 79 -7.25 -18.44 9.18
C SER A 79 -6.54 -17.31 9.92
N THR A 80 -5.60 -16.67 9.21
CA THR A 80 -4.96 -15.46 9.68
C THR A 80 -5.00 -14.43 8.58
N SER A 81 -5.10 -13.17 8.96
CA SER A 81 -4.94 -12.07 8.00
C SER A 81 -4.10 -10.99 8.64
N PHE A 82 -3.37 -10.27 7.82
CA PHE A 82 -2.58 -9.13 8.28
C PHE A 82 -2.09 -8.38 7.07
N TRP A 83 -1.70 -7.14 7.31
CA TRP A 83 -1.06 -6.32 6.28
C TRP A 83 0.42 -6.24 6.59
N ILE A 84 1.24 -6.24 5.53
CA ILE A 84 2.69 -6.16 5.70
C ILE A 84 3.30 -5.26 4.64
N ARG A 85 4.38 -4.57 5.00
CA ARG A 85 5.13 -3.76 4.06
C ARG A 85 6.59 -4.13 4.23
N ILE A 86 7.17 -4.62 3.14
CA ILE A 86 8.47 -5.29 3.14
C ILE A 86 9.42 -4.43 2.31
N PRO A 87 10.42 -3.82 2.95
CA PRO A 87 11.35 -2.97 2.18
C PRO A 87 12.10 -3.73 1.10
N LYS A 88 12.48 -3.03 0.03
CA LYS A 88 13.22 -3.68 -1.05
C LYS A 88 14.47 -4.38 -0.53
N TYR A 89 14.71 -5.58 -1.00
CA TYR A 89 15.98 -6.26 -0.74
C TYR A 89 17.03 -5.61 -1.59
N PHE A 90 18.17 -5.27 -1.00
CA PHE A 90 19.18 -4.49 -1.73
C PHE A 90 20.59 -5.00 -1.74
N ASN A 91 20.86 -6.03 -0.94
CA ASN A 91 22.21 -6.55 -0.83
C ASN A 91 22.19 -8.07 -0.86
N SER A 92 23.29 -8.65 -1.32
CA SER A 92 23.38 -10.10 -1.49
C SER A 92 23.26 -10.87 -0.18
N ILE A 93 23.52 -10.21 0.95
CA ILE A 93 23.34 -10.81 2.28
C ILE A 93 21.89 -11.30 2.49
N SER A 94 20.94 -10.72 1.75
CA SER A 94 19.52 -11.08 1.82
C SER A 94 19.13 -12.24 0.91
N LEU A 95 19.99 -12.60 -0.04
CA LEU A 95 19.71 -13.74 -0.86
C LEU A 95 19.81 -15.00 -0.02
N ASN A 96 18.98 -15.97 -0.35
CA ASN A 96 19.09 -17.31 0.26
C ASN A 96 19.05 -17.22 1.80
N ASN A 97 18.03 -16.55 2.32
CA ASN A 97 17.90 -16.33 3.75
C ASN A 97 16.43 -16.28 4.16
N GLU A 98 15.86 -17.46 4.45
CA GLU A 98 14.52 -17.52 5.01
C GLU A 98 14.62 -17.14 6.48
N TYR A 99 13.85 -16.12 6.88
CA TYR A 99 13.82 -15.67 8.27
C TYR A 99 12.39 -15.61 8.76
N THR A 100 12.19 -16.13 9.97
CA THR A 100 10.84 -16.11 10.54
C THR A 100 10.48 -14.67 10.95
N ILE A 101 9.21 -14.30 10.78
CA ILE A 101 8.70 -13.03 11.28
C ILE A 101 7.54 -13.14 12.26
N ILE A 102 6.71 -14.19 12.15
CA ILE A 102 5.56 -14.35 13.03
C ILE A 102 5.57 -15.83 13.40
N ASN A 103 5.88 -16.12 14.66
CA ASN A 103 6.17 -17.49 15.08
C ASN A 103 5.16 -17.97 16.12
N CYS A 104 4.51 -19.08 15.81
CA CYS A 104 3.66 -19.78 16.76
C CYS A 104 4.00 -21.27 16.75
N MET A 105 5.30 -21.55 16.68
CA MET A 105 5.83 -22.91 16.85
C MET A 105 6.20 -23.16 18.31
N GLU A 106 5.89 -24.36 18.80
CA GLU A 106 6.31 -24.79 20.13
C GLU A 106 6.78 -26.21 19.99
N ASN A 107 8.00 -26.50 20.40
CA ASN A 107 8.55 -27.86 20.27
C ASN A 107 8.33 -28.46 18.87
N ASN A 108 8.59 -27.64 17.86
CA ASN A 108 8.63 -28.11 16.47
C ASN A 108 7.25 -28.52 15.93
N SER A 109 6.20 -27.90 16.46
CA SER A 109 4.87 -28.01 15.87
C SER A 109 4.18 -26.66 16.00
N GLY A 110 3.28 -26.39 15.05
CA GLY A 110 2.55 -25.15 15.04
C GLY A 110 2.56 -24.50 13.67
N TRP A 111 2.60 -23.18 13.66
CA TRP A 111 2.57 -22.42 12.41
C TRP A 111 3.52 -21.24 12.52
N LYS A 112 3.98 -20.77 11.36
CA LYS A 112 4.77 -19.54 11.30
C LYS A 112 4.65 -18.90 9.94
N VAL A 113 4.88 -17.58 9.95
CA VAL A 113 5.10 -16.82 8.74
C VAL A 113 6.57 -16.48 8.68
N SER A 114 7.17 -16.69 7.51
N SER A 114 7.16 -16.69 7.50
CA SER A 114 8.57 -16.34 7.28
CA SER A 114 8.58 -16.40 7.23
C SER A 114 8.67 -15.61 5.96
C SER A 114 8.67 -15.60 5.95
N LEU A 115 9.79 -14.92 5.76
CA LEU A 115 10.08 -14.22 4.53
C LEU A 115 11.40 -14.74 3.97
N ASN A 116 11.60 -14.55 2.66
CA ASN A 116 12.91 -14.71 2.03
C ASN A 116 12.94 -13.66 0.92
N TYR A 117 14.07 -13.55 0.26
CA TYR A 117 14.18 -12.68 -0.90
C TYR A 117 13.01 -12.97 -1.85
N GLY A 118 12.15 -11.96 -2.07
CA GLY A 118 11.00 -12.13 -2.96
C GLY A 118 9.94 -13.14 -2.53
N GLU A 119 9.81 -13.45 -1.24
CA GLU A 119 8.86 -14.46 -0.79
C GLU A 119 8.18 -14.11 0.51
N ILE A 120 6.91 -14.56 0.61
CA ILE A 120 6.18 -14.65 1.87
C ILE A 120 5.75 -16.11 2.00
N ILE A 121 6.07 -16.73 3.13
CA ILE A 121 5.95 -18.16 3.32
C ILE A 121 5.12 -18.51 4.55
N TRP A 122 4.18 -19.44 4.40
CA TRP A 122 3.44 -20.01 5.52
C TRP A 122 3.91 -21.45 5.72
N THR A 123 4.20 -21.83 6.96
CA THR A 123 4.60 -23.20 7.30
C THR A 123 3.69 -23.71 8.39
N PHE A 124 3.21 -24.93 8.20
CA PHE A 124 2.27 -25.57 9.11
C PHE A 124 2.89 -26.92 9.39
N GLN A 125 3.04 -27.26 10.68
CA GLN A 125 3.87 -28.39 11.06
C GLN A 125 3.26 -29.23 12.17
N ASP A 126 3.14 -30.54 11.93
CA ASP A 126 2.48 -31.41 12.90
C ASP A 126 3.45 -31.96 13.94
N THR A 127 2.92 -32.74 14.87
CA THR A 127 3.72 -33.26 15.98
C THR A 127 4.53 -34.49 15.60
N GLN A 128 4.51 -34.88 14.33
CA GLN A 128 5.36 -35.92 13.77
C GLN A 128 6.44 -35.29 12.87
N GLU A 129 6.61 -33.96 12.94
CA GLU A 129 7.55 -33.21 12.10
C GLU A 129 7.24 -33.22 10.60
N ILE A 130 5.98 -33.50 10.24
CA ILE A 130 5.52 -33.34 8.86
C ILE A 130 5.15 -31.88 8.64
N LYS A 131 5.68 -31.30 7.57
CA LYS A 131 5.59 -29.90 7.23
C LYS A 131 4.84 -29.71 5.91
N GLN A 132 4.01 -28.69 5.80
CA GLN A 132 3.57 -28.18 4.51
C GLN A 132 3.80 -26.69 4.48
N ARG A 133 4.16 -26.19 3.31
N ARG A 133 4.19 -26.18 3.31
CA ARG A 133 4.31 -24.77 3.09
CA ARG A 133 4.47 -24.78 3.07
C ARG A 133 3.51 -24.30 1.91
C ARG A 133 3.63 -24.27 1.89
N VAL A 134 3.12 -23.03 1.98
CA VAL A 134 2.56 -22.31 0.83
C VAL A 134 3.31 -20.99 0.73
N VAL A 135 3.51 -20.53 -0.51
CA VAL A 135 4.47 -19.46 -0.76
C VAL A 135 3.89 -18.49 -1.78
N PHE A 136 4.04 -17.20 -1.50
CA PHE A 136 3.84 -16.11 -2.48
C PHE A 136 5.22 -15.64 -2.91
N LYS A 137 5.46 -15.63 -4.22
CA LYS A 137 6.69 -15.14 -4.80
C LYS A 137 6.43 -13.85 -5.58
N TYR A 138 7.30 -12.88 -5.41
CA TYR A 138 7.26 -11.66 -6.23
C TYR A 138 8.67 -11.33 -6.69
N SER A 139 8.76 -10.78 -7.89
CA SER A 139 10.04 -10.45 -8.47
C SER A 139 10.52 -9.06 -8.09
N GLN A 140 11.85 -8.89 -8.01
CA GLN A 140 12.44 -7.56 -7.93
C GLN A 140 13.04 -7.10 -9.26
N MET A 141 12.84 -7.88 -10.32
CA MET A 141 13.28 -7.50 -11.68
C MET A 141 12.01 -7.16 -12.46
N ILE A 142 11.58 -5.91 -12.29
CA ILE A 142 10.26 -5.51 -12.72
C ILE A 142 10.19 -3.99 -12.84
N ASN A 143 9.56 -3.48 -13.90
CA ASN A 143 9.43 -2.04 -14.15
C ASN A 143 8.85 -1.31 -12.93
N ILE A 144 7.64 -1.69 -12.57
CA ILE A 144 6.92 -1.17 -11.42
C ILE A 144 6.27 -2.37 -10.74
N SER A 145 6.49 -2.50 -9.42
CA SER A 145 5.97 -3.61 -8.65
C SER A 145 4.74 -3.21 -7.85
N ASP A 146 3.77 -4.13 -7.79
CA ASP A 146 2.64 -4.02 -6.88
C ASP A 146 2.99 -4.33 -5.44
N TYR A 147 4.18 -4.90 -5.20
CA TYR A 147 4.50 -5.55 -3.95
C TYR A 147 5.71 -4.98 -3.22
N ILE A 148 6.78 -4.64 -3.92
CA ILE A 148 8.02 -4.24 -3.25
C ILE A 148 7.79 -2.96 -2.45
N ASN A 149 7.97 -3.05 -1.13
CA ASN A 149 7.85 -1.89 -0.24
C ASN A 149 6.47 -1.26 -0.23
N ARG A 150 5.45 -1.97 -0.70
CA ARG A 150 4.08 -1.47 -0.69
CA ARG A 150 4.08 -1.48 -0.70
C ARG A 150 3.24 -2.35 0.23
N TRP A 151 2.24 -1.77 0.87
CA TRP A 151 1.38 -2.58 1.72
C TRP A 151 0.74 -3.71 0.93
N ILE A 152 0.83 -4.91 1.51
CA ILE A 152 0.26 -6.13 0.97
C ILE A 152 -0.73 -6.70 2.00
N PHE A 153 -1.93 -7.05 1.58
CA PHE A 153 -2.88 -7.73 2.46
C PHE A 153 -2.72 -9.23 2.29
N VAL A 154 -2.29 -9.90 3.35
CA VAL A 154 -2.05 -11.32 3.33
C VAL A 154 -3.20 -12.02 4.04
N THR A 155 -3.69 -13.12 3.47
CA THR A 155 -4.63 -13.97 4.16
C THR A 155 -4.25 -15.42 3.94
N ILE A 156 -4.18 -16.20 5.02
CA ILE A 156 -3.88 -17.62 4.92
C ILE A 156 -5.01 -18.36 5.57
N THR A 157 -5.60 -19.29 4.82
CA THR A 157 -6.71 -20.10 5.35
C THR A 157 -6.27 -21.56 5.38
N ASN A 158 -6.74 -22.27 6.41
CA ASN A 158 -6.37 -23.66 6.59
C ASN A 158 -7.62 -24.49 6.87
N ASN A 159 -7.86 -25.45 5.98
CA ASN A 159 -8.93 -26.41 6.12
C ASN A 159 -8.26 -27.77 6.26
N ARG A 160 -8.42 -28.39 7.43
CA ARG A 160 -7.64 -29.57 7.77
C ARG A 160 -7.92 -30.79 6.91
N ILE A 161 -9.03 -30.78 6.17
CA ILE A 161 -9.29 -31.89 5.25
C ILE A 161 -9.18 -31.51 3.77
N THR A 162 -8.72 -30.28 3.47
CA THR A 162 -8.38 -29.90 2.11
C THR A 162 -6.97 -29.28 2.08
N LYS A 163 -6.91 -27.95 2.09
CA LYS A 163 -5.66 -27.24 1.76
C LYS A 163 -5.39 -26.07 2.67
N SER A 164 -4.11 -25.70 2.74
CA SER A 164 -3.71 -24.36 3.16
C SER A 164 -3.66 -23.49 1.89
N LYS A 165 -4.16 -22.26 2.01
CA LYS A 165 -4.27 -21.35 0.87
C LYS A 165 -3.73 -19.98 1.29
N ILE A 166 -2.92 -19.39 0.42
CA ILE A 166 -2.45 -18.02 0.63
C ILE A 166 -3.04 -17.11 -0.43
N TYR A 167 -3.64 -16.03 0.06
CA TYR A 167 -4.22 -14.98 -0.74
C TYR A 167 -3.41 -13.70 -0.54
N ILE A 168 -3.27 -12.92 -1.61
CA ILE A 168 -2.56 -11.64 -1.60
C ILE A 168 -3.51 -10.62 -2.20
N ASN A 169 -3.81 -9.59 -1.44
CA ASN A 169 -4.77 -8.54 -1.87
C ASN A 169 -6.09 -9.15 -2.35
N GLY A 170 -6.54 -10.17 -1.62
CA GLY A 170 -7.80 -10.85 -1.89
C GLY A 170 -7.78 -11.94 -2.95
N ARG A 171 -6.63 -12.15 -3.62
CA ARG A 171 -6.52 -13.08 -4.79
C ARG A 171 -5.79 -14.33 -4.34
N LEU A 172 -6.33 -15.50 -4.67
CA LEU A 172 -5.65 -16.76 -4.39
C LEU A 172 -4.35 -16.88 -5.18
N ILE A 173 -3.24 -17.17 -4.49
CA ILE A 173 -1.90 -17.27 -5.08
C ILE A 173 -1.39 -18.72 -5.14
N ASP A 174 -1.49 -19.43 -4.02
CA ASP A 174 -0.90 -20.77 -3.88
C ASP A 174 -1.80 -21.53 -2.92
N GLN A 175 -1.92 -22.82 -3.16
CA GLN A 175 -2.60 -23.72 -2.25
C GLN A 175 -1.96 -25.09 -2.31
N LYS A 176 -1.93 -25.76 -1.17
CA LYS A 176 -1.30 -27.07 -1.07
C LYS A 176 -2.11 -27.96 -0.17
N PRO A 177 -2.17 -29.27 -0.50
CA PRO A 177 -2.93 -30.18 0.34
C PRO A 177 -2.28 -30.33 1.71
N ILE A 178 -3.12 -30.42 2.74
CA ILE A 178 -2.66 -30.66 4.09
C ILE A 178 -3.31 -31.84 4.79
N SER A 179 -4.11 -32.63 4.07
CA SER A 179 -4.82 -33.74 4.74
C SER A 179 -3.86 -34.78 5.35
N ASN A 180 -2.60 -34.87 4.87
CA ASN A 180 -1.61 -35.81 5.46
C ASN A 180 -0.99 -35.32 6.78
N LEU A 181 -1.21 -34.05 7.14
CA LEU A 181 -0.74 -33.55 8.44
C LEU A 181 -1.63 -34.08 9.56
N GLY A 182 -0.98 -34.47 10.66
CA GLY A 182 -1.63 -34.97 11.83
C GLY A 182 -1.96 -33.90 12.85
N ASN A 183 -1.82 -34.24 14.12
CA ASN A 183 -2.08 -33.27 15.15
C ASN A 183 -1.07 -32.13 15.06
N ILE A 184 -1.57 -30.90 15.14
CA ILE A 184 -0.72 -29.70 15.13
C ILE A 184 -0.96 -29.05 16.48
N HIS A 185 0.12 -28.83 17.23
CA HIS A 185 0.03 -28.27 18.56
C HIS A 185 0.90 -27.01 18.56
N ALA A 186 0.25 -25.86 18.40
CA ALA A 186 0.94 -24.59 18.30
C ALA A 186 1.21 -24.03 19.70
N SER A 187 1.89 -22.90 19.75
CA SER A 187 2.20 -22.23 21.00
C SER A 187 1.04 -21.37 21.53
N ASN A 188 1.05 -21.09 22.84
CA ASN A 188 0.20 -20.04 23.42
C ASN A 188 0.76 -18.65 23.19
N LYS A 189 1.97 -18.55 22.65
CA LYS A 189 2.61 -17.26 22.38
C LYS A 189 2.80 -17.09 20.88
N ILE A 190 2.42 -15.94 20.35
CA ILE A 190 2.82 -15.55 19.00
C ILE A 190 3.93 -14.52 19.12
N MET A 191 5.11 -14.82 18.57
CA MET A 191 6.25 -13.95 18.63
C MET A 191 6.44 -13.25 17.28
N PHE A 192 6.27 -11.93 17.30
CA PHE A 192 6.51 -11.10 16.12
C PHE A 192 7.93 -10.57 16.29
N LYS A 193 8.83 -11.02 15.43
CA LYS A 193 10.27 -10.77 15.59
C LYS A 193 10.98 -11.28 14.35
N LEU A 194 11.96 -10.53 13.86
CA LEU A 194 12.81 -11.06 12.79
C LEU A 194 13.77 -12.07 13.40
N ASP A 195 13.65 -13.33 12.99
CA ASP A 195 14.41 -14.42 13.60
C ASP A 195 15.19 -15.12 12.53
N GLY A 196 16.51 -15.09 12.65
CA GLY A 196 17.38 -15.71 11.68
C GLY A 196 17.66 -14.89 10.42
N CYS A 197 17.50 -13.56 10.49
CA CYS A 197 17.72 -12.71 9.35
C CYS A 197 19.16 -12.23 9.33
N ARG A 198 19.84 -12.46 8.21
CA ARG A 198 21.27 -12.15 8.06
C ARG A 198 21.50 -10.64 7.87
N ASP A 199 20.51 -9.94 7.33
CA ASP A 199 20.65 -8.52 6.93
C ASP A 199 20.41 -7.59 8.13
N PRO A 200 21.46 -6.90 8.62
CA PRO A 200 21.27 -6.04 9.80
C PRO A 200 20.31 -4.88 9.60
N HIS A 201 20.10 -4.48 8.35
CA HIS A 201 19.23 -3.35 8.04
C HIS A 201 17.79 -3.76 7.74
N ARG A 202 17.47 -5.05 7.81
CA ARG A 202 16.13 -5.52 7.47
C ARG A 202 15.10 -5.04 8.50
N TYR A 203 13.90 -4.77 8.02
CA TYR A 203 12.77 -4.49 8.91
C TYR A 203 11.49 -4.86 8.19
N ILE A 204 10.40 -4.87 8.93
CA ILE A 204 9.05 -5.03 8.34
C ILE A 204 8.12 -4.03 9.01
N VAL A 205 7.01 -3.73 8.36
CA VAL A 205 5.92 -2.98 8.96
C VAL A 205 4.69 -3.87 8.87
N ILE A 206 3.92 -3.96 9.97
CA ILE A 206 2.72 -4.80 10.00
C ILE A 206 1.56 -4.03 10.57
N LYS A 207 0.34 -4.43 10.18
CA LYS A 207 -0.88 -3.78 10.67
C LYS A 207 -2.01 -4.79 10.66
N TYR A 208 -2.90 -4.62 11.63
CA TYR A 208 -4.18 -5.35 11.71
C TYR A 208 -4.01 -6.88 11.69
N PHE A 209 -3.21 -7.40 12.61
CA PHE A 209 -3.08 -8.86 12.70
C PHE A 209 -4.37 -9.47 13.29
N ASN A 210 -4.89 -10.47 12.58
CA ASN A 210 -6.12 -11.17 12.97
C ASN A 210 -5.98 -12.66 12.86
N LEU A 211 -6.66 -13.36 13.78
CA LEU A 211 -6.94 -14.80 13.65
C LEU A 211 -8.44 -15.02 13.64
N PHE A 212 -8.85 -16.06 12.91
CA PHE A 212 -10.25 -16.48 12.79
C PHE A 212 -10.33 -17.96 13.00
N ASP A 213 -11.40 -18.42 13.66
CA ASP A 213 -11.55 -19.87 13.95
C ASP A 213 -12.33 -20.63 12.86
N LYS A 214 -12.14 -20.23 11.62
CA LYS A 214 -12.72 -20.91 10.46
C LYS A 214 -11.81 -20.70 9.26
N GLU A 215 -12.06 -21.49 8.21
CA GLU A 215 -11.52 -21.24 6.89
C GLU A 215 -12.35 -20.11 6.26
N LEU A 216 -11.76 -18.96 6.06
CA LEU A 216 -12.48 -17.83 5.42
C LEU A 216 -12.75 -18.16 3.96
N SER A 217 -13.94 -17.77 3.49
CA SER A 217 -14.29 -17.88 2.09
C SER A 217 -13.65 -16.77 1.27
N GLU A 218 -13.63 -16.98 -0.05
CA GLU A 218 -13.11 -15.96 -0.97
C GLU A 218 -13.84 -14.63 -0.76
N LYS A 219 -15.17 -14.71 -0.59
CA LYS A 219 -15.99 -13.49 -0.37
C LYS A 219 -15.63 -12.79 0.95
N GLU A 220 -15.48 -13.58 2.02
CA GLU A 220 -15.09 -13.01 3.30
C GLU A 220 -13.74 -12.29 3.20
N ILE A 221 -12.82 -12.89 2.46
CA ILE A 221 -11.48 -12.32 2.29
C ILE A 221 -11.53 -10.99 1.52
N LYS A 222 -12.29 -10.98 0.42
CA LYS A 222 -12.52 -9.75 -0.34
C LYS A 222 -13.13 -8.66 0.55
N ASP A 223 -14.13 -9.02 1.35
CA ASP A 223 -14.80 -8.03 2.19
C ASP A 223 -13.84 -7.51 3.28
N LEU A 224 -13.01 -8.39 3.85
CA LEU A 224 -11.99 -7.96 4.83
C LEU A 224 -11.00 -6.98 4.19
N TYR A 225 -10.53 -7.33 3.00
CA TYR A 225 -9.62 -6.47 2.24
C TYR A 225 -10.23 -5.08 2.01
N ASP A 226 -11.47 -5.09 1.53
CA ASP A 226 -12.17 -3.83 1.22
C ASP A 226 -12.38 -3.00 2.49
N ASN A 227 -12.78 -3.64 3.58
CA ASN A 227 -13.09 -2.92 4.80
C ASN A 227 -11.83 -2.37 5.50
N GLN A 228 -10.81 -3.20 5.60
CA GLN A 228 -9.59 -2.79 6.27
C GLN A 228 -8.74 -1.80 5.46
N SER A 229 -9.02 -1.68 4.16
CA SER A 229 -8.34 -0.71 3.29
C SER A 229 -8.59 0.76 3.67
N ASN A 230 -9.64 1.06 4.43
CA ASN A 230 -9.98 2.44 4.82
C ASN A 230 -10.09 3.32 3.56
N SER A 231 -11.00 2.94 2.67
CA SER A 231 -11.06 3.49 1.32
C SER A 231 -11.59 4.92 1.28
N GLY A 232 -12.08 5.45 2.39
CA GLY A 232 -12.37 6.87 2.54
C GLY A 232 -11.16 7.77 2.66
N ILE A 233 -9.97 7.21 2.84
CA ILE A 233 -8.73 7.95 2.93
C ILE A 233 -7.91 7.64 1.68
N LEU A 234 -7.45 8.67 0.99
CA LEU A 234 -6.55 8.44 -0.15
C LEU A 234 -5.24 7.85 0.32
N LYS A 235 -4.61 7.10 -0.58
CA LYS A 235 -3.32 6.47 -0.29
C LYS A 235 -2.24 7.00 -1.21
N ASP A 236 -1.02 7.00 -0.68
CA ASP A 236 0.16 7.18 -1.50
C ASP A 236 0.55 5.86 -2.18
N PHE A 237 1.61 5.90 -2.98
CA PHE A 237 2.05 4.72 -3.74
C PHE A 237 2.34 3.54 -2.83
N TRP A 238 2.92 3.82 -1.68
CA TRP A 238 3.30 2.76 -0.76
C TRP A 238 2.10 2.15 -0.05
N GLY A 239 0.93 2.81 -0.13
CA GLY A 239 -0.28 2.39 0.54
C GLY A 239 -0.52 3.09 1.87
N ASP A 240 0.37 4.00 2.26
CA ASP A 240 0.12 4.80 3.46
C ASP A 240 -0.92 5.88 3.18
N TYR A 241 -1.48 6.47 4.24
CA TYR A 241 -2.41 7.56 4.02
C TYR A 241 -1.70 8.69 3.28
N LEU A 242 -2.38 9.24 2.28
CA LEU A 242 -1.91 10.41 1.58
C LEU A 242 -2.00 11.60 2.54
N GLN A 243 -1.01 12.50 2.46
CA GLN A 243 -0.90 13.58 3.41
C GLN A 243 -0.77 14.94 2.73
N TYR A 244 -1.19 15.95 3.45
CA TYR A 244 -0.92 17.34 3.11
C TYR A 244 0.55 17.73 3.43
N ASP A 245 1.08 18.70 2.71
CA ASP A 245 2.39 19.28 3.02
C ASP A 245 3.53 18.25 3.00
N LYS A 246 3.42 17.33 2.05
CA LYS A 246 4.38 16.25 1.87
C LYS A 246 4.72 16.18 0.38
N SER A 247 6.01 16.16 0.07
CA SER A 247 6.48 16.15 -1.31
C SER A 247 6.31 14.79 -1.94
N TYR A 248 5.70 14.76 -3.11
CA TYR A 248 5.44 13.52 -3.84
C TYR A 248 5.95 13.59 -5.29
N TYR A 249 6.63 12.55 -5.71
CA TYR A 249 6.89 12.33 -7.13
C TYR A 249 5.69 11.65 -7.76
N MET A 250 5.37 12.00 -9.00
CA MET A 250 4.14 11.51 -9.62
C MET A 250 4.40 10.38 -10.60
N LEU A 251 3.58 9.33 -10.48
CA LEU A 251 3.57 8.22 -11.43
C LEU A 251 2.21 8.14 -12.10
N ASN A 252 2.20 8.21 -13.44
CA ASN A 252 1.01 8.01 -14.23
C ASN A 252 0.90 6.52 -14.54
N LEU A 253 -0.17 5.87 -14.07
CA LEU A 253 -0.30 4.42 -14.22
C LEU A 253 -0.60 3.99 -15.64
N TYR A 254 -1.12 4.91 -16.47
CA TYR A 254 -1.37 4.57 -17.86
C TYR A 254 -0.05 4.47 -18.64
N ASP A 255 0.89 5.35 -18.33
CA ASP A 255 2.22 5.30 -18.93
C ASP A 255 3.27 5.48 -17.85
N PRO A 256 3.62 4.37 -17.20
CA PRO A 256 4.56 4.43 -16.08
C PRO A 256 6.00 4.75 -16.46
N ASN A 257 6.31 4.78 -17.75
CA ASN A 257 7.67 5.07 -18.19
C ASN A 257 7.96 6.57 -18.31
N LYS A 258 6.96 7.40 -18.05
CA LYS A 258 7.12 8.84 -18.11
C LYS A 258 7.14 9.47 -16.73
N TYR A 259 7.64 10.69 -16.67
CA TYR A 259 7.59 11.49 -15.48
C TYR A 259 7.20 12.92 -15.85
N VAL A 260 6.73 13.68 -14.87
CA VAL A 260 6.24 15.01 -15.11
C VAL A 260 7.39 16.01 -15.13
N ASP A 261 7.32 16.93 -16.08
CA ASP A 261 8.20 18.09 -16.11
C ASP A 261 7.34 19.34 -16.42
N VAL A 262 7.96 20.52 -16.25
CA VAL A 262 7.32 21.81 -16.50
C VAL A 262 8.15 22.53 -17.56
N ASN A 263 7.48 22.96 -18.64
CA ASN A 263 8.07 23.76 -19.71
C ASN A 263 7.49 25.12 -19.46
N ASN A 264 8.23 25.85 -18.62
CA ASN A 264 8.01 27.24 -18.22
C ASN A 264 6.89 27.40 -17.21
N VAL A 265 7.10 28.29 -16.25
CA VAL A 265 6.03 28.71 -15.35
C VAL A 265 5.20 29.82 -15.98
N GLY A 266 4.03 30.04 -15.41
CA GLY A 266 3.06 31.00 -15.91
C GLY A 266 2.02 30.37 -16.79
N ILE A 267 1.00 31.16 -17.12
CA ILE A 267 -0.18 30.64 -17.79
C ILE A 267 0.05 30.24 -19.25
N ARG A 268 1.16 30.69 -19.85
CA ARG A 268 1.57 30.23 -21.20
C ARG A 268 2.50 29.02 -21.19
N GLY A 269 2.94 28.61 -20.00
CA GLY A 269 3.71 27.38 -19.82
C GLY A 269 2.78 26.20 -19.61
N TYR A 270 3.35 25.01 -19.52
CA TYR A 270 2.56 23.81 -19.33
C TYR A 270 3.39 22.75 -18.62
N MET A 271 2.67 21.81 -18.04
CA MET A 271 3.26 20.62 -17.50
C MET A 271 3.11 19.51 -18.55
N TYR A 272 4.05 18.58 -18.58
CA TYR A 272 4.00 17.52 -19.57
C TYR A 272 4.68 16.27 -19.07
N LEU A 273 4.41 15.16 -19.78
CA LEU A 273 5.04 13.88 -19.49
C LEU A 273 6.21 13.66 -20.45
N LYS A 274 7.33 13.24 -19.87
CA LYS A 274 8.58 13.01 -20.59
C LYS A 274 9.12 11.65 -20.19
N GLY A 275 9.87 10.99 -21.07
CA GLY A 275 10.47 9.71 -20.72
C GLY A 275 11.68 9.41 -21.57
N PRO A 276 12.34 8.28 -21.32
CA PRO A 276 11.98 7.28 -20.33
C PRO A 276 12.55 7.58 -18.92
N ARG A 277 11.96 6.94 -17.92
CA ARG A 277 12.59 6.92 -16.61
C ARG A 277 13.95 6.21 -16.68
N ASP A 278 14.83 6.55 -15.75
CA ASP A 278 16.08 5.83 -15.55
C ASP A 278 15.80 4.48 -14.90
N ASN A 279 16.76 3.56 -15.01
CA ASN A 279 16.77 2.35 -14.21
C ASN A 279 17.40 2.63 -12.85
N VAL A 280 16.97 1.83 -11.86
CA VAL A 280 17.75 1.60 -10.64
C VAL A 280 18.05 0.10 -10.61
N MET A 281 19.27 -0.28 -10.25
N MET A 281 19.27 -0.27 -10.27
CA MET A 281 19.64 -1.68 -10.27
CA MET A 281 19.64 -1.68 -10.31
C MET A 281 20.79 -1.99 -9.37
C MET A 281 20.80 -2.00 -9.39
N THR A 282 20.76 -3.22 -8.87
CA THR A 282 21.92 -3.81 -8.19
C THR A 282 21.95 -5.24 -8.74
N THR A 283 23.08 -5.62 -9.32
CA THR A 283 23.23 -6.89 -10.01
C THR A 283 22.73 -8.07 -9.16
N ASN A 284 21.82 -8.84 -9.78
CA ASN A 284 21.16 -10.01 -9.25
C ASN A 284 20.31 -9.76 -8.00
N ILE A 285 20.05 -8.48 -7.67
CA ILE A 285 19.18 -8.18 -6.54
C ILE A 285 17.90 -7.43 -6.99
N TYR A 286 18.03 -6.39 -7.80
CA TYR A 286 16.84 -5.67 -8.33
C TYR A 286 17.16 -4.94 -9.62
N LEU A 287 16.10 -4.71 -10.40
CA LEU A 287 16.14 -3.91 -11.62
C LEU A 287 14.76 -3.32 -11.73
N ASN A 288 14.64 -2.00 -11.55
CA ASN A 288 13.32 -1.34 -11.52
C ASN A 288 13.43 0.00 -12.24
N SER A 289 12.28 0.58 -12.58
CA SER A 289 12.27 1.98 -12.93
C SER A 289 12.51 2.87 -11.71
N SER A 290 13.30 3.92 -11.89
CA SER A 290 13.43 4.96 -10.88
C SER A 290 12.09 5.62 -10.61
N LEU A 291 11.77 5.73 -9.33
CA LEU A 291 10.53 6.35 -8.87
C LEU A 291 10.69 7.81 -8.48
N TYR A 292 11.90 8.24 -8.17
CA TYR A 292 12.11 9.58 -7.65
C TYR A 292 12.58 10.49 -8.77
N MET A 293 11.67 10.72 -9.71
CA MET A 293 11.94 11.56 -10.88
C MET A 293 10.83 12.55 -11.11
N GLY A 294 11.21 13.68 -11.67
CA GLY A 294 10.25 14.66 -12.16
C GLY A 294 9.84 15.67 -11.11
N THR A 295 8.92 16.51 -11.54
CA THR A 295 8.38 17.60 -10.75
C THR A 295 7.67 17.05 -9.52
N LYS A 296 8.00 17.58 -8.34
CA LYS A 296 7.30 17.18 -7.13
C LYS A 296 6.00 17.96 -6.97
N PHE A 297 4.98 17.25 -6.51
CA PHE A 297 3.67 17.81 -6.19
C PHE A 297 3.52 17.81 -4.66
N ILE A 298 2.86 18.85 -4.15
CA ILE A 298 2.55 18.98 -2.72
C ILE A 298 1.05 19.32 -2.63
N ILE A 299 0.34 18.56 -1.82
CA ILE A 299 -1.09 18.79 -1.62
C ILE A 299 -1.28 19.76 -0.46
N LYS A 300 -2.06 20.81 -0.70
CA LYS A 300 -2.24 21.89 0.27
C LYS A 300 -3.66 21.85 0.81
N LYS A 301 -3.77 21.90 2.13
CA LYS A 301 -5.07 21.93 2.79
C LYS A 301 -5.74 23.24 2.42
N TYR A 302 -6.99 23.12 2.01
CA TYR A 302 -7.79 24.27 1.66
C TYR A 302 -9.08 24.20 2.43
N ALA A 303 -9.98 23.30 2.04
CA ALA A 303 -11.31 23.29 2.64
C ALA A 303 -11.46 22.44 3.89
N SER A 304 -10.60 21.45 4.10
CA SER A 304 -10.82 20.51 5.19
C SER A 304 -10.69 21.18 6.54
N GLY A 305 -11.70 20.96 7.37
CA GLY A 305 -11.66 21.34 8.77
C GLY A 305 -11.03 20.34 9.72
N ASN A 306 -10.56 19.18 9.23
N ASN A 306 -10.57 19.19 9.21
CA ASN A 306 -9.90 18.21 10.10
CA ASN A 306 -9.88 18.20 10.04
C ASN A 306 -8.52 18.71 10.47
C ASN A 306 -8.53 18.76 10.48
N LYS A 307 -8.18 18.54 11.75
CA LYS A 307 -6.93 19.03 12.32
C LYS A 307 -5.74 18.16 11.97
N ASP A 308 -6.00 16.93 11.55
CA ASP A 308 -4.91 16.02 11.17
C ASP A 308 -4.45 16.33 9.75
N ASN A 309 -3.48 15.57 9.28
CA ASN A 309 -2.79 15.88 8.05
C ASN A 309 -3.10 14.90 6.91
N ILE A 310 -4.18 14.16 7.04
CA ILE A 310 -4.57 13.09 6.13
C ILE A 310 -5.54 13.64 5.06
N VAL A 311 -5.35 13.20 3.83
CA VAL A 311 -6.20 13.61 2.70
C VAL A 311 -7.34 12.60 2.53
N ARG A 312 -8.57 13.08 2.69
CA ARG A 312 -9.76 12.24 2.65
C ARG A 312 -10.48 12.40 1.32
N ASN A 313 -11.21 11.34 0.96
CA ASN A 313 -12.07 11.34 -0.20
C ASN A 313 -13.00 12.56 -0.10
N ASN A 314 -13.06 13.30 -1.23
CA ASN A 314 -13.88 14.50 -1.41
C ASN A 314 -13.29 15.74 -0.79
N ASP A 315 -12.09 15.67 -0.22
CA ASP A 315 -11.45 16.90 0.25
C ASP A 315 -11.18 17.84 -0.93
N ARG A 316 -11.45 19.12 -0.72
N ARG A 316 -11.48 19.12 -0.73
CA ARG A 316 -11.08 20.14 -1.69
CA ARG A 316 -11.13 20.19 -1.67
C ARG A 316 -9.76 20.76 -1.28
C ARG A 316 -9.77 20.75 -1.27
N VAL A 317 -8.81 20.73 -2.20
CA VAL A 317 -7.42 21.05 -1.92
C VAL A 317 -6.89 21.97 -3.02
N TYR A 318 -5.68 22.49 -2.79
CA TYR A 318 -4.87 22.98 -3.87
C TYR A 318 -3.71 22.02 -4.10
N ILE A 319 -3.19 22.03 -5.31
CA ILE A 319 -1.98 21.28 -5.67
C ILE A 319 -0.88 22.29 -6.01
N ASN A 320 0.22 22.22 -5.27
CA ASN A 320 1.41 22.95 -5.58
C ASN A 320 2.41 22.05 -6.33
N VAL A 321 3.24 22.70 -7.14
N VAL A 321 3.16 22.65 -7.26
CA VAL A 321 4.21 22.06 -7.99
CA VAL A 321 4.25 21.95 -7.95
C VAL A 321 5.54 22.72 -7.70
C VAL A 321 5.53 22.69 -7.68
N VAL A 322 6.61 21.92 -7.52
CA VAL A 322 7.93 22.47 -7.19
C VAL A 322 8.73 22.61 -8.48
N VAL A 323 9.12 23.85 -8.79
CA VAL A 323 9.95 24.17 -9.94
C VAL A 323 11.14 24.98 -9.43
N LYS A 324 12.34 24.47 -9.70
CA LYS A 324 13.60 25.05 -9.21
C LYS A 324 13.51 25.40 -7.73
N ASN A 325 13.02 24.45 -6.95
CA ASN A 325 13.00 24.53 -5.48
C ASN A 325 12.01 25.59 -4.92
N LYS A 326 11.06 26.02 -5.73
CA LYS A 326 10.04 26.99 -5.34
C LYS A 326 8.65 26.41 -5.68
N GLU A 327 7.67 26.66 -4.80
CA GLU A 327 6.30 26.22 -5.00
C GLU A 327 5.50 27.16 -5.89
N TYR A 328 4.80 26.56 -6.84
CA TYR A 328 3.86 27.20 -7.74
C TYR A 328 2.52 26.51 -7.60
N ARG A 329 1.45 27.13 -8.07
CA ARG A 329 0.11 26.59 -7.97
C ARG A 329 -0.29 25.95 -9.31
N LEU A 330 -0.73 24.70 -9.25
CA LEU A 330 -1.32 24.06 -10.41
C LEU A 330 -2.66 24.75 -10.70
N ALA A 331 -2.83 25.21 -11.93
CA ALA A 331 -4.03 25.97 -12.29
C ALA A 331 -4.25 25.98 -13.80
N THR A 332 -5.44 26.43 -14.20
CA THR A 332 -5.73 26.61 -15.61
C THR A 332 -6.77 27.71 -15.79
N ASN A 333 -6.80 28.27 -16.99
CA ASN A 333 -7.86 29.16 -17.39
C ASN A 333 -8.92 28.28 -18.03
N ALA A 334 -10.04 28.11 -17.32
CA ALA A 334 -11.13 27.30 -17.83
C ALA A 334 -11.77 27.87 -19.10
N SER A 335 -11.57 29.17 -19.37
CA SER A 335 -12.01 29.81 -20.62
C SER A 335 -11.12 29.58 -21.84
N GLN A 336 -10.00 28.85 -21.72
CA GLN A 336 -9.18 28.54 -22.90
C GLN A 336 -9.97 27.70 -23.90
N ALA A 337 -9.57 27.78 -25.17
CA ALA A 337 -10.26 27.05 -26.25
C ALA A 337 -10.08 25.56 -26.07
N GLY A 338 -11.12 24.81 -26.44
CA GLY A 338 -11.10 23.35 -26.31
C GLY A 338 -11.39 22.92 -24.88
N VAL A 339 -11.95 21.73 -24.75
CA VAL A 339 -12.40 21.21 -23.44
C VAL A 339 -11.34 20.35 -22.74
N GLU A 340 -10.16 20.18 -23.37
CA GLU A 340 -8.99 19.67 -22.63
C GLU A 340 -8.21 20.87 -22.12
N LYS A 341 -8.34 21.14 -20.83
CA LYS A 341 -7.78 22.36 -20.26
C LYS A 341 -6.36 22.07 -19.84
N ILE A 342 -5.42 22.69 -20.54
CA ILE A 342 -4.00 22.54 -20.27
C ILE A 342 -3.65 23.18 -18.94
N LEU A 343 -2.90 22.44 -18.12
CA LEU A 343 -2.52 22.89 -16.79
C LEU A 343 -1.20 23.65 -16.81
N SER A 344 -1.09 24.64 -15.94
CA SER A 344 0.10 25.45 -15.82
C SER A 344 0.54 25.54 -14.37
N ALA A 345 1.78 25.98 -14.17
CA ALA A 345 2.32 26.23 -12.84
C ALA A 345 2.41 27.75 -12.65
N LEU A 346 1.55 28.28 -11.77
CA LEU A 346 1.39 29.73 -11.60
C LEU A 346 2.04 30.23 -10.32
N GLU A 347 2.55 31.44 -10.33
CA GLU A 347 3.01 32.09 -9.10
C GLU A 347 1.82 32.19 -8.17
N ILE A 348 1.99 31.76 -6.93
CA ILE A 348 0.88 31.67 -6.00
C ILE A 348 0.18 33.04 -5.81
N PRO A 349 0.93 34.15 -5.68
CA PRO A 349 0.25 35.46 -5.62
C PRO A 349 -0.50 35.91 -6.87
N ASP A 350 -0.23 35.30 -8.03
CA ASP A 350 -0.84 35.71 -9.30
C ASP A 350 -1.97 34.80 -9.79
N VAL A 351 -2.38 33.81 -8.99
CA VAL A 351 -3.35 32.82 -9.45
C VAL A 351 -4.71 33.46 -9.67
N GLY A 352 -5.04 34.46 -8.83
CA GLY A 352 -6.33 35.15 -8.95
C GLY A 352 -7.48 34.18 -8.75
N ASN A 353 -8.51 34.31 -9.59
CA ASN A 353 -9.68 33.41 -9.53
C ASN A 353 -9.65 32.35 -10.65
N LEU A 354 -8.43 32.03 -11.13
CA LEU A 354 -8.24 30.91 -12.07
C LEU A 354 -8.62 29.61 -11.42
N SER A 355 -8.83 28.62 -12.26
CA SER A 355 -9.29 27.32 -11.80
C SER A 355 -8.13 26.57 -11.15
N GLN A 356 -8.32 26.18 -9.89
CA GLN A 356 -7.26 25.56 -9.09
C GLN A 356 -7.73 24.63 -7.97
N VAL A 357 -9.01 24.70 -7.59
CA VAL A 357 -9.51 23.85 -6.53
C VAL A 357 -9.70 22.44 -7.07
N VAL A 358 -9.07 21.48 -6.39
CA VAL A 358 -9.10 20.08 -6.79
C VAL A 358 -9.88 19.27 -5.76
N VAL A 359 -10.85 18.48 -6.24
CA VAL A 359 -11.51 17.50 -5.38
C VAL A 359 -10.68 16.20 -5.45
N MET A 360 -10.15 15.80 -4.29
CA MET A 360 -9.39 14.56 -4.23
C MET A 360 -10.35 13.38 -4.10
N LYS A 361 -10.08 12.32 -4.85
CA LYS A 361 -10.94 11.17 -4.91
C LYS A 361 -10.23 9.85 -4.72
N SER A 362 -10.86 9.00 -3.89
CA SER A 362 -10.48 7.59 -3.81
C SER A 362 -11.58 6.64 -4.34
N LYS A 363 -12.85 7.05 -4.28
CA LYS A 363 -13.97 6.18 -4.61
C LYS A 363 -15.22 7.02 -4.85
N ASN A 364 -16.21 6.42 -5.52
CA ASN A 364 -17.45 7.14 -5.84
C ASN A 364 -18.46 6.98 -4.70
N ASP A 365 -19.66 7.54 -4.90
CA ASP A 365 -20.71 7.53 -3.88
C ASP A 365 -21.29 6.12 -3.58
N GLN A 366 -21.03 5.15 -4.46
CA GLN A 366 -21.41 3.75 -4.25
C GLN A 366 -20.29 2.92 -3.58
N GLY A 367 -19.17 3.57 -3.28
CA GLY A 367 -18.01 2.92 -2.67
C GLY A 367 -17.03 2.27 -3.64
N ILE A 368 -17.22 2.47 -4.95
CA ILE A 368 -16.37 1.81 -5.94
C ILE A 368 -15.09 2.64 -6.11
N THR A 369 -13.95 2.00 -5.82
CA THR A 369 -12.66 2.68 -5.85
C THR A 369 -12.18 2.87 -7.29
N ASN A 370 -11.36 3.89 -7.47
CA ASN A 370 -10.77 4.22 -8.77
C ASN A 370 -9.47 4.95 -8.49
N LYS A 371 -8.42 4.70 -9.29
CA LYS A 371 -7.12 5.37 -9.15
C LYS A 371 -7.06 6.82 -9.68
N CYS A 372 -8.14 7.32 -10.28
CA CYS A 372 -8.17 8.71 -10.72
C CYS A 372 -8.42 9.61 -9.52
N LYS A 373 -7.44 10.47 -9.24
CA LYS A 373 -7.35 11.11 -7.94
C LYS A 373 -7.74 12.56 -7.87
N MET A 374 -7.61 13.32 -8.96
CA MET A 374 -7.68 14.79 -8.88
C MET A 374 -8.72 15.35 -9.85
N ASN A 375 -9.87 15.76 -9.33
CA ASN A 375 -10.96 16.30 -10.14
C ASN A 375 -10.98 17.82 -10.03
N LEU A 376 -10.46 18.49 -11.04
CA LEU A 376 -10.31 19.96 -11.00
C LEU A 376 -11.65 20.64 -11.20
N GLN A 377 -11.86 21.70 -10.42
CA GLN A 377 -13.08 22.50 -10.43
C GLN A 377 -12.79 23.88 -10.99
N ASP A 378 -13.77 24.45 -11.68
CA ASP A 378 -13.68 25.85 -12.03
C ASP A 378 -14.07 26.71 -10.81
N ASN A 379 -14.01 28.03 -10.98
CA ASN A 379 -14.29 28.95 -9.88
C ASN A 379 -15.76 28.97 -9.43
N ASN A 380 -16.64 28.36 -10.23
CA ASN A 380 -18.05 28.26 -9.90
C ASN A 380 -18.40 26.88 -9.37
N GLY A 381 -17.38 26.03 -9.17
CA GLY A 381 -17.57 24.68 -8.67
C GLY A 381 -18.09 23.68 -9.69
N ASN A 382 -18.02 23.99 -10.98
CA ASN A 382 -18.31 23.01 -12.03
C ASN A 382 -17.06 22.18 -12.28
N ASP A 383 -17.22 20.87 -12.51
CA ASP A 383 -16.06 20.05 -12.87
C ASP A 383 -15.47 20.53 -14.20
N ILE A 384 -14.16 20.76 -14.22
CA ILE A 384 -13.38 20.88 -15.46
C ILE A 384 -12.85 19.48 -15.84
N GLY A 385 -12.65 18.62 -14.85
CA GLY A 385 -12.39 17.21 -15.11
C GLY A 385 -11.22 16.66 -14.34
N PHE A 386 -11.09 15.34 -14.35
CA PHE A 386 -9.92 14.73 -13.77
C PHE A 386 -8.66 15.15 -14.52
N ILE A 387 -7.56 15.21 -13.77
CA ILE A 387 -6.27 15.56 -14.30
C ILE A 387 -5.64 14.31 -14.90
N GLY A 388 -5.31 14.42 -16.19
CA GLY A 388 -4.63 13.39 -16.96
C GLY A 388 -3.73 14.06 -17.97
N PHE A 389 -3.78 13.63 -19.22
CA PHE A 389 -2.94 14.20 -20.25
C PHE A 389 -3.58 14.11 -21.62
N HIS A 390 -3.09 14.93 -22.53
CA HIS A 390 -3.55 14.94 -23.93
C HIS A 390 -2.37 15.31 -24.81
N GLN A 391 -2.28 14.67 -25.96
CA GLN A 391 -1.19 14.90 -26.89
C GLN A 391 -1.54 16.06 -27.82
N PHE A 392 -0.82 17.17 -27.67
CA PHE A 392 -0.89 18.32 -28.57
C PHE A 392 0.40 18.34 -29.39
N ASN A 393 0.32 17.97 -30.68
CA ASN A 393 1.50 17.89 -31.56
C ASN A 393 2.74 17.25 -30.91
N ASN A 394 2.69 15.95 -30.65
CA ASN A 394 3.81 15.20 -30.04
C ASN A 394 4.22 15.55 -28.60
N ILE A 395 3.50 16.45 -27.92
CA ILE A 395 3.77 16.76 -26.50
C ILE A 395 2.58 16.31 -25.67
N ALA A 396 2.84 15.45 -24.68
CA ALA A 396 1.81 14.96 -23.79
C ALA A 396 1.66 15.92 -22.62
N LYS A 397 0.79 16.92 -22.80
CA LYS A 397 0.59 17.94 -21.80
C LYS A 397 -0.42 17.47 -20.77
N LEU A 398 -0.22 17.87 -19.52
CA LEU A 398 -1.21 17.60 -18.49
C LEU A 398 -2.44 18.46 -18.75
N VAL A 399 -3.61 17.85 -18.61
CA VAL A 399 -4.88 18.50 -18.81
C VAL A 399 -5.88 18.06 -17.75
N ALA A 400 -6.92 18.88 -17.58
CA ALA A 400 -8.13 18.43 -16.91
C ALA A 400 -9.18 18.20 -17.98
N SER A 401 -9.89 17.06 -17.91
CA SER A 401 -10.87 16.69 -18.94
C SER A 401 -12.00 15.88 -18.37
N ASN A 402 -13.22 16.31 -18.70
CA ASN A 402 -14.43 15.59 -18.29
C ASN A 402 -14.62 14.29 -19.04
N TRP A 403 -13.83 14.03 -20.07
CA TRP A 403 -13.84 12.72 -20.68
C TRP A 403 -13.56 11.63 -19.65
N TYR A 404 -12.60 11.89 -18.76
CA TYR A 404 -12.29 10.95 -17.71
C TYR A 404 -13.48 10.70 -16.80
N ASN A 405 -14.13 11.78 -16.38
CA ASN A 405 -15.25 11.69 -15.45
C ASN A 405 -16.36 10.80 -15.99
N ARG A 406 -16.64 10.93 -17.30
N ARG A 406 -16.60 10.93 -17.29
CA ARG A 406 -17.65 10.07 -17.96
CA ARG A 406 -17.60 10.13 -17.95
C ARG A 406 -17.20 8.61 -18.01
C ARG A 406 -17.18 8.65 -17.98
N GLN A 407 -15.92 8.38 -18.27
CA GLN A 407 -15.40 7.01 -18.29
C GLN A 407 -15.39 6.29 -16.94
N ILE A 408 -15.07 7.03 -15.88
CA ILE A 408 -15.06 6.52 -14.51
C ILE A 408 -16.44 6.07 -14.03
N GLU A 409 -17.51 6.59 -14.65
CA GLU A 409 -18.89 6.12 -14.38
C GLU A 409 -19.21 4.74 -14.96
N ARG A 410 -18.39 4.31 -15.92
CA ARG A 410 -18.59 3.04 -16.65
C ARG A 410 -17.69 1.89 -16.22
N SER A 411 -16.49 2.18 -15.73
CA SER A 411 -15.58 1.14 -15.24
C SER A 411 -14.54 1.74 -14.31
N SER A 412 -13.82 0.85 -13.62
CA SER A 412 -12.70 1.24 -12.76
C SER A 412 -11.31 0.92 -13.34
N ARG A 413 -11.23 0.70 -14.65
N ARG A 413 -11.25 0.72 -14.66
CA ARG A 413 -9.93 0.45 -15.29
CA ARG A 413 -9.97 0.49 -15.37
C ARG A 413 -8.98 1.65 -15.21
C ARG A 413 -8.99 1.66 -15.24
N THR A 414 -7.70 1.37 -15.43
CA THR A 414 -6.67 2.39 -15.45
C THR A 414 -6.84 3.28 -16.69
N LEU A 415 -6.76 4.58 -16.46
CA LEU A 415 -6.86 5.59 -17.47
C LEU A 415 -5.71 6.55 -17.30
N GLY A 416 -5.59 7.49 -18.22
CA GLY A 416 -4.58 8.51 -18.12
C GLY A 416 -4.74 9.45 -16.93
N CYS A 417 -5.88 9.41 -16.24
CA CYS A 417 -6.06 10.15 -15.01
C CYS A 417 -5.68 9.37 -13.76
N SER A 418 -5.13 8.16 -13.93
CA SER A 418 -4.77 7.31 -12.81
C SER A 418 -3.36 7.64 -12.38
N TRP A 419 -3.21 8.17 -11.18
CA TRP A 419 -1.92 8.59 -10.64
C TRP A 419 -1.60 7.92 -9.31
N GLU A 420 -0.31 7.77 -9.07
CA GLU A 420 0.21 7.52 -7.74
C GLU A 420 1.14 8.65 -7.30
N PHE A 421 1.06 8.95 -6.01
CA PHE A 421 1.90 9.96 -5.32
C PHE A 421 2.98 9.21 -4.56
N ILE A 422 4.25 9.45 -4.90
CA ILE A 422 5.36 8.64 -4.38
C ILE A 422 6.30 9.51 -3.52
N PRO A 423 6.21 9.40 -2.19
CA PRO A 423 7.19 10.10 -1.36
C PRO A 423 8.47 9.27 -1.20
N VAL A 424 9.57 9.92 -0.87
CA VAL A 424 10.81 9.23 -0.59
C VAL A 424 10.63 8.43 0.70
N ASP A 425 10.91 7.13 0.63
CA ASP A 425 10.68 6.21 1.74
C ASP A 425 11.93 5.38 1.97
N ASP A 426 12.22 5.08 3.25
CA ASP A 426 13.41 4.35 3.63
C ASP A 426 13.49 2.91 3.07
N GLY A 427 12.34 2.36 2.64
CA GLY A 427 12.31 1.04 2.09
C GLY A 427 12.52 0.99 0.60
N TRP A 428 12.85 2.12 -0.02
CA TRP A 428 13.14 2.19 -1.45
C TRP A 428 14.19 3.28 -1.62
N ARG A 429 15.45 2.86 -1.59
CA ARG A 429 16.57 3.80 -1.62
C ARG A 429 17.11 3.81 -3.05
N GLU A 430 17.27 5.00 -3.63
CA GLU A 430 17.86 5.13 -4.95
C GLU A 430 19.23 5.78 -4.85
N ARG A 431 20.18 5.23 -5.60
CA ARG A 431 21.57 5.68 -5.57
C ARG A 431 21.75 7.07 -6.19
#